data_6LX6
#
_entry.id   6LX6
#
_cell.length_a   44.673
_cell.length_b   61.615
_cell.length_c   53.010
_cell.angle_alpha   90.000
_cell.angle_beta   106.470
_cell.angle_gamma   90.000
#
_symmetry.space_group_name_H-M   'P 1 21 1'
#
loop_
_entity.id
_entity.type
_entity.pdbx_description
1 polymer 'Peroxisome proliferator-activated receptor alpha'
2 non-polymer GLYCEROL
3 non-polymer 'PALMITIC ACID'
4 water water
#
_entity_poly.entity_id   1
_entity_poly.type   'polypeptide(L)'
_entity_poly.pdbx_seq_one_letter_code
;GSHMTADLKSLAKRIYEAYLKNFNMNKVKARVILSGKASNNPPFVIHDMETLCMAEKTLVAKLVANGIQNKEAEVRIFHC
CQCTSVETVTELTEFAKAIPGFANLDLNDQVTLLKYGVYEAIFAMLSSVMNKDGMLVAYGNGFITREFLKSLRKPFCDIM
EPKFDFAMKFNALELDDSDISLFVAAIICCGDRPGLLNVGHIEKMQEGIVHVLRLHLQSNHPDDIFLFPKLLQKMADLRQ
LVTEHAQLVQIIKKTESDAALHPLLQEIYRDMY
;
_entity_poly.pdbx_strand_id   A
#
loop_
_chem_comp.id
_chem_comp.type
_chem_comp.name
_chem_comp.formula
GOL non-polymer GLYCEROL 'C3 H8 O3'
PLM non-polymer 'PALMITIC ACID' 'C16 H32 O2'
#
# COMPACT_ATOMS: atom_id res chain seq x y z
N ASP A 7 -7.24 20.95 19.44
CA ASP A 7 -7.69 19.58 19.26
C ASP A 7 -7.04 18.88 18.06
N LEU A 8 -6.60 19.66 17.06
CA LEU A 8 -6.06 19.08 15.83
C LEU A 8 -4.70 18.42 16.02
N LYS A 9 -3.86 18.98 16.89
CA LYS A 9 -2.58 18.35 17.18
C LYS A 9 -2.77 17.00 17.87
N SER A 10 -3.72 16.93 18.80
CA SER A 10 -4.02 15.67 19.44
C SER A 10 -4.55 14.66 18.41
N LEU A 11 -5.41 15.10 17.50
N LEU A 11 -5.39 15.11 17.48
CA LEU A 11 -5.91 14.22 16.46
CA LEU A 11 -5.93 14.21 16.46
C LEU A 11 -4.76 13.64 15.64
C LEU A 11 -4.82 13.66 15.56
N ALA A 12 -3.84 14.51 15.20
CA ALA A 12 -2.71 14.01 14.41
C ALA A 12 -1.94 12.95 15.20
N LYS A 13 -1.73 13.16 16.49
CA LYS A 13 -1.06 12.19 17.33
C LYS A 13 -1.84 10.90 17.44
N ARG A 14 -3.17 10.97 17.56
CA ARG A 14 -3.97 9.78 17.62
C ARG A 14 -3.78 8.95 16.35
N ILE A 15 -3.82 9.61 15.20
N ILE A 15 -3.78 9.59 15.19
CA ILE A 15 -3.68 8.93 13.92
CA ILE A 15 -3.70 8.81 13.97
C ILE A 15 -2.32 8.25 13.84
C ILE A 15 -2.30 8.25 13.78
N TYR A 16 -1.27 8.99 14.17
CA TYR A 16 0.09 8.44 14.16
C TYR A 16 0.19 7.20 15.06
N GLU A 17 -0.36 7.30 16.28
CA GLU A 17 -0.26 6.13 17.18
C GLU A 17 -1.03 4.95 16.65
N ALA A 18 -2.17 5.16 15.99
CA ALA A 18 -2.92 4.07 15.40
C ALA A 18 -2.13 3.43 14.26
N TYR A 19 -1.37 4.23 13.53
N TYR A 19 -1.42 4.26 13.49
CA TYR A 19 -0.57 3.67 12.45
CA TYR A 19 -0.54 3.74 12.44
C TYR A 19 0.59 2.83 13.00
C TYR A 19 0.51 2.82 13.04
N LEU A 20 1.23 3.31 14.07
CA LEU A 20 2.30 2.51 14.68
C LEU A 20 1.75 1.22 15.25
N LYS A 21 0.55 1.23 15.80
CA LYS A 21 -0.04 0.03 16.37
C LYS A 21 -0.48 -0.96 15.31
N ASN A 22 -1.01 -0.52 14.20
CA ASN A 22 -1.71 -1.39 13.27
C ASN A 22 -0.90 -1.91 12.10
N PHE A 23 0.18 -1.24 11.70
CA PHE A 23 0.96 -1.73 10.57
C PHE A 23 2.21 -2.44 11.07
N ASN A 24 2.48 -3.61 10.49
CA ASN A 24 3.61 -4.39 10.99
C ASN A 24 4.92 -3.72 10.63
N MET A 25 4.90 -2.90 9.57
CA MET A 25 6.06 -2.20 9.07
C MET A 25 5.81 -0.71 9.21
N ASN A 26 6.84 -0.02 9.63
CA ASN A 26 6.81 1.44 9.67
C ASN A 26 8.17 1.91 9.17
N LYS A 27 8.29 3.22 8.92
CA LYS A 27 9.45 3.68 8.19
C LYS A 27 10.72 3.61 9.03
N VAL A 28 10.60 3.85 10.34
CA VAL A 28 11.75 3.69 11.23
C VAL A 28 12.19 2.23 11.27
N LYS A 29 11.25 1.31 11.42
CA LYS A 29 11.60 -0.13 11.46
C LYS A 29 12.30 -0.53 10.17
N ALA A 30 11.76 -0.08 9.03
CA ALA A 30 12.31 -0.42 7.73
C ALA A 30 13.71 0.12 7.58
N ARG A 31 13.91 1.38 7.97
CA ARG A 31 15.24 1.98 7.87
C ARG A 31 16.26 1.27 8.75
N VAL A 32 15.89 0.84 9.94
CA VAL A 32 16.84 0.05 10.76
C VAL A 32 17.29 -1.20 10.00
N ILE A 33 16.35 -1.92 9.38
CA ILE A 33 16.70 -3.14 8.68
C ILE A 33 17.57 -2.82 7.49
N LEU A 34 17.17 -1.81 6.72
CA LEU A 34 17.87 -1.42 5.50
C LEU A 34 19.27 -0.89 5.80
N SER A 35 19.54 -0.41 7.02
CA SER A 35 20.86 0.11 7.36
C SER A 35 21.88 -1.01 7.52
N GLY A 36 21.46 -2.19 7.94
CA GLY A 36 22.38 -3.26 8.27
C GLY A 36 22.62 -3.33 9.77
N ASN A 40 20.24 -9.80 14.61
CA ASN A 40 19.46 -11.04 14.73
C ASN A 40 18.46 -11.09 13.57
N ASN A 41 18.40 -12.22 12.87
CA ASN A 41 17.51 -12.36 11.73
C ASN A 41 17.62 -11.22 10.71
N PRO A 42 18.81 -10.95 10.20
CA PRO A 42 18.98 -9.98 9.10
C PRO A 42 18.25 -10.46 7.85
N PRO A 43 17.94 -9.55 6.91
CA PRO A 43 17.18 -9.97 5.73
C PRO A 43 18.01 -10.78 4.76
N PHE A 44 17.38 -11.81 4.25
CA PHE A 44 18.02 -12.59 3.22
C PHE A 44 17.89 -11.86 1.87
N VAL A 45 19.01 -11.73 1.14
CA VAL A 45 19.04 -11.00 -0.12
C VAL A 45 18.66 -11.92 -1.29
N ILE A 46 17.65 -11.52 -2.02
CA ILE A 46 17.11 -12.26 -3.17
C ILE A 46 17.50 -11.43 -4.38
N HIS A 47 18.53 -11.89 -5.12
CA HIS A 47 19.01 -11.14 -6.26
C HIS A 47 19.05 -11.97 -7.53
N ASP A 48 18.65 -13.25 -7.46
CA ASP A 48 18.72 -14.13 -8.62
C ASP A 48 17.85 -15.34 -8.30
N MET A 49 17.75 -16.29 -9.24
N MET A 49 17.82 -16.28 -9.22
CA MET A 49 16.87 -17.43 -9.00
CA MET A 49 16.94 -17.42 -9.06
C MET A 49 17.38 -18.32 -7.87
C MET A 49 17.39 -18.32 -7.92
N GLU A 50 18.70 -18.55 -7.80
CA GLU A 50 19.22 -19.35 -6.69
C GLU A 50 18.77 -18.79 -5.35
N THR A 51 18.99 -17.50 -5.15
CA THR A 51 18.64 -16.91 -3.86
C THR A 51 17.15 -16.79 -3.66
N LEU A 52 16.35 -16.58 -4.71
CA LEU A 52 14.90 -16.68 -4.54
C LEU A 52 14.53 -18.03 -3.98
N CYS A 53 15.08 -19.10 -4.58
CA CYS A 53 14.64 -20.43 -4.18
C CYS A 53 15.10 -20.76 -2.76
N MET A 54 16.30 -20.35 -2.39
CA MET A 54 16.75 -20.51 -1.01
C MET A 54 15.83 -19.75 -0.05
N ALA A 55 15.51 -18.49 -0.38
CA ALA A 55 14.66 -17.69 0.51
C ALA A 55 13.30 -18.33 0.66
N GLU A 56 12.72 -18.84 -0.43
CA GLU A 56 11.42 -19.49 -0.35
C GLU A 56 11.43 -20.68 0.59
N LYS A 57 12.48 -21.50 0.50
CA LYS A 57 12.52 -22.71 1.34
C LYS A 57 12.57 -22.36 2.80
N THR A 58 13.13 -21.20 3.15
CA THR A 58 13.17 -20.79 4.55
C THR A 58 11.94 -20.00 4.96
N LEU A 59 11.47 -19.07 4.13
CA LEU A 59 10.47 -18.08 4.55
C LEU A 59 9.06 -18.38 4.13
N VAL A 60 8.84 -19.17 3.07
CA VAL A 60 7.49 -19.56 2.64
C VAL A 60 7.51 -21.04 2.28
N ALA A 61 7.97 -21.89 3.19
CA ALA A 61 8.32 -23.27 2.82
C ALA A 61 7.17 -24.01 2.14
N LYS A 62 5.94 -23.80 2.63
CA LYS A 62 4.81 -24.54 2.09
C LYS A 62 4.62 -24.28 0.60
N LEU A 63 4.94 -23.07 0.15
CA LEU A 63 4.72 -22.73 -1.24
C LEU A 63 5.63 -23.50 -2.18
N VAL A 64 6.76 -24.00 -1.69
CA VAL A 64 7.70 -24.72 -2.53
C VAL A 64 7.86 -26.19 -2.10
N ALA A 65 6.89 -26.72 -1.37
CA ALA A 65 6.94 -28.08 -0.86
C ALA A 65 6.28 -29.09 -1.77
N ASN A 66 5.99 -28.71 -3.02
CA ASN A 66 5.16 -29.49 -3.93
C ASN A 66 5.95 -30.23 -5.01
N GLY A 67 7.27 -30.18 -4.98
CA GLY A 67 8.04 -30.93 -5.99
C GLY A 67 7.79 -30.42 -7.40
N ILE A 68 7.58 -31.35 -8.33
CA ILE A 68 7.34 -30.98 -9.72
C ILE A 68 6.10 -30.13 -9.88
N GLN A 69 5.18 -30.18 -8.90
CA GLN A 69 3.95 -29.40 -8.92
C GLN A 69 4.12 -27.97 -8.41
N ASN A 70 5.30 -27.59 -7.94
CA ASN A 70 5.49 -26.18 -7.60
C ASN A 70 5.17 -25.30 -8.81
N LYS A 71 4.58 -24.12 -8.56
CA LYS A 71 4.37 -23.22 -9.69
C LYS A 71 5.67 -22.55 -10.14
N GLU A 72 5.63 -21.96 -11.35
CA GLU A 72 6.75 -21.22 -11.92
C GLU A 72 7.16 -20.10 -10.97
N ALA A 73 8.46 -19.76 -10.95
CA ALA A 73 8.97 -18.75 -10.02
C ALA A 73 8.16 -17.46 -10.05
N GLU A 74 7.84 -16.97 -11.25
CA GLU A 74 7.13 -15.70 -11.37
C GLU A 74 5.77 -15.77 -10.73
N VAL A 75 5.11 -16.91 -10.85
CA VAL A 75 3.79 -17.11 -10.26
C VAL A 75 3.90 -17.19 -8.75
N ARG A 76 4.90 -17.89 -8.22
CA ARG A 76 5.11 -17.90 -6.77
C ARG A 76 5.35 -16.49 -6.26
N ILE A 77 6.15 -15.70 -6.98
CA ILE A 77 6.43 -14.33 -6.55
C ILE A 77 5.14 -13.53 -6.52
N PHE A 78 4.33 -13.63 -7.58
CA PHE A 78 3.06 -12.89 -7.61
C PHE A 78 2.13 -13.35 -6.49
N HIS A 79 2.15 -14.64 -6.16
CA HIS A 79 1.35 -15.10 -5.04
C HIS A 79 1.79 -14.44 -3.74
N CYS A 80 3.11 -14.31 -3.52
CA CYS A 80 3.61 -13.64 -2.34
C CYS A 80 3.27 -12.17 -2.35
N CYS A 81 3.26 -11.54 -3.52
CA CYS A 81 2.81 -10.16 -3.60
C CYS A 81 1.38 -10.03 -3.10
N GLN A 82 0.52 -10.93 -3.56
CA GLN A 82 -0.90 -10.87 -3.20
C GLN A 82 -1.08 -11.14 -1.72
N CYS A 83 -0.35 -12.10 -1.17
CA CYS A 83 -0.50 -12.35 0.26
C CYS A 83 -0.09 -11.18 1.07
N THR A 84 0.94 -10.45 0.63
CA THR A 84 1.33 -9.26 1.35
C THR A 84 0.20 -8.24 1.30
N SER A 85 -0.42 -8.05 0.15
CA SER A 85 -1.50 -7.07 0.05
C SER A 85 -2.69 -7.46 0.90
N VAL A 86 -3.04 -8.76 0.95
CA VAL A 86 -4.14 -9.20 1.82
C VAL A 86 -3.87 -8.82 3.26
N GLU A 87 -2.65 -9.01 3.73
CA GLU A 87 -2.32 -8.68 5.11
C GLU A 87 -2.40 -7.17 5.32
N THR A 88 -1.92 -6.38 4.35
CA THR A 88 -2.01 -4.93 4.50
C THR A 88 -3.45 -4.45 4.48
N VAL A 89 -4.31 -5.09 3.70
CA VAL A 89 -5.75 -4.76 3.74
C VAL A 89 -6.32 -4.94 5.14
N THR A 90 -5.98 -6.04 5.82
CA THR A 90 -6.43 -6.24 7.19
C THR A 90 -5.93 -5.12 8.10
N GLU A 91 -4.66 -4.73 7.97
CA GLU A 91 -4.11 -3.66 8.82
C GLU A 91 -4.81 -2.35 8.56
N LEU A 92 -5.05 -2.03 7.29
CA LEU A 92 -5.71 -0.77 6.90
C LEU A 92 -7.13 -0.73 7.44
N THR A 93 -7.81 -1.86 7.45
CA THR A 93 -9.20 -1.90 7.93
C THR A 93 -9.25 -1.58 9.42
N GLU A 94 -8.30 -2.07 10.20
CA GLU A 94 -8.26 -1.73 11.62
C GLU A 94 -7.82 -0.29 11.84
N PHE A 95 -6.81 0.19 11.09
CA PHE A 95 -6.37 1.57 11.17
C PHE A 95 -7.53 2.54 10.92
N ALA A 96 -8.40 2.23 9.96
CA ALA A 96 -9.43 3.18 9.57
C ALA A 96 -10.36 3.52 10.73
N LYS A 97 -10.45 2.65 11.72
CA LYS A 97 -11.28 2.96 12.89
C LYS A 97 -10.78 4.19 13.63
N ALA A 98 -9.50 4.54 13.54
CA ALA A 98 -8.98 5.71 14.22
C ALA A 98 -9.39 7.01 13.55
N ILE A 99 -9.91 6.99 12.32
CA ILE A 99 -10.18 8.20 11.59
C ILE A 99 -11.51 8.77 12.07
N PRO A 100 -11.58 10.02 12.54
CA PRO A 100 -12.85 10.54 13.06
C PRO A 100 -13.93 10.47 12.00
N GLY A 101 -15.03 9.84 12.35
CA GLY A 101 -16.18 9.74 11.49
C GLY A 101 -16.29 8.44 10.75
N PHE A 102 -15.17 7.73 10.55
CA PHE A 102 -15.20 6.53 9.71
C PHE A 102 -16.09 5.45 10.31
N ALA A 103 -15.91 5.14 11.60
CA ALA A 103 -16.72 4.09 12.23
C ALA A 103 -18.19 4.50 12.42
N ASN A 104 -18.52 5.78 12.24
CA ASN A 104 -19.90 6.25 12.30
C ASN A 104 -20.60 6.14 10.96
N LEU A 105 -19.87 5.84 9.87
CA LEU A 105 -20.49 5.67 8.57
C LEU A 105 -21.25 4.34 8.50
N ASP A 106 -22.23 4.30 7.58
N ASP A 106 -22.22 4.30 7.59
CA ASP A 106 -22.87 3.04 7.27
CA ASP A 106 -22.87 3.04 7.28
C ASP A 106 -21.82 1.99 6.87
C ASP A 106 -21.81 2.00 6.90
N LEU A 107 -22.02 0.76 7.34
CA LEU A 107 -21.07 -0.30 7.03
C LEU A 107 -20.78 -0.40 5.54
N ASN A 108 -21.79 -0.20 4.68
CA ASN A 108 -21.52 -0.32 3.25
C ASN A 108 -20.58 0.76 2.73
N ASP A 109 -20.69 1.99 3.27
CA ASP A 109 -19.78 3.06 2.89
C ASP A 109 -18.36 2.78 3.38
N GLN A 110 -18.22 2.23 4.59
CA GLN A 110 -16.89 1.83 5.06
C GLN A 110 -16.27 0.82 4.09
N VAL A 111 -17.07 -0.16 3.65
CA VAL A 111 -16.56 -1.14 2.69
C VAL A 111 -16.12 -0.48 1.40
N THR A 112 -16.94 0.42 0.85
CA THR A 112 -16.61 1.09 -0.39
C THR A 112 -15.34 1.93 -0.26
N LEU A 113 -15.21 2.70 0.82
CA LEU A 113 -14.00 3.51 0.97
C LEU A 113 -12.74 2.63 1.06
N LEU A 114 -12.83 1.52 1.77
CA LEU A 114 -11.67 0.63 1.85
C LEU A 114 -11.40 -0.02 0.49
N LYS A 115 -12.44 -0.46 -0.20
N LYS A 115 -12.44 -0.46 -0.21
CA LYS A 115 -12.26 -1.11 -1.50
CA LYS A 115 -12.24 -1.11 -1.51
C LYS A 115 -11.45 -0.25 -2.47
C LYS A 115 -11.42 -0.24 -2.46
N TYR A 116 -11.79 1.03 -2.61
CA TYR A 116 -11.14 1.94 -3.53
C TYR A 116 -9.86 2.56 -2.99
N GLY A 117 -9.69 2.59 -1.66
CA GLY A 117 -8.54 3.23 -1.06
C GLY A 117 -7.37 2.29 -0.77
N VAL A 118 -7.61 1.00 -0.60
CA VAL A 118 -6.53 0.16 -0.05
C VAL A 118 -5.30 0.12 -0.94
N TYR A 119 -5.45 -0.04 -2.26
CA TYR A 119 -4.27 -0.11 -3.10
C TYR A 119 -3.53 1.23 -3.19
N GLU A 120 -4.23 2.37 -3.16
CA GLU A 120 -3.53 3.63 -3.13
C GLU A 120 -2.71 3.71 -1.86
N ALA A 121 -3.30 3.32 -0.73
CA ALA A 121 -2.55 3.30 0.51
C ALA A 121 -1.40 2.30 0.49
N ILE A 122 -1.62 1.12 -0.10
CA ILE A 122 -0.57 0.11 -0.16
C ILE A 122 0.62 0.66 -0.90
N PHE A 123 0.39 1.30 -2.05
CA PHE A 123 1.54 1.76 -2.82
C PHE A 123 2.22 2.97 -2.18
N ALA A 124 1.46 3.80 -1.46
CA ALA A 124 2.12 4.89 -0.72
C ALA A 124 3.04 4.33 0.35
N MET A 125 2.52 3.39 1.17
CA MET A 125 3.29 2.82 2.25
C MET A 125 4.42 1.93 1.77
N LEU A 126 4.28 1.31 0.60
CA LEU A 126 5.35 0.48 0.07
C LEU A 126 6.63 1.27 -0.12
N SER A 127 6.50 2.57 -0.39
CA SER A 127 7.68 3.39 -0.54
C SER A 127 8.61 3.30 0.66
N SER A 128 8.03 3.12 1.84
CA SER A 128 8.84 3.09 3.07
C SER A 128 9.77 1.90 3.13
N VAL A 129 9.48 0.81 2.40
CA VAL A 129 10.35 -0.37 2.39
C VAL A 129 11.18 -0.47 1.11
N MET A 130 11.18 0.58 0.29
CA MET A 130 11.89 0.58 -0.98
C MET A 130 13.05 1.55 -0.94
N ASN A 131 14.16 1.14 -1.53
CA ASN A 131 15.23 2.07 -1.92
C ASN A 131 15.50 1.85 -3.39
N LYS A 132 16.47 2.58 -3.95
CA LYS A 132 16.68 2.50 -5.40
C LYS A 132 17.14 1.12 -5.86
N ASP A 133 17.62 0.27 -4.93
CA ASP A 133 18.14 -1.04 -5.30
C ASP A 133 17.19 -2.19 -5.01
N GLY A 134 16.15 -2.02 -4.21
CA GLY A 134 15.30 -3.15 -3.89
C GLY A 134 14.34 -2.82 -2.78
N MET A 135 13.72 -3.88 -2.23
CA MET A 135 12.66 -3.64 -1.26
C MET A 135 12.61 -4.75 -0.22
N LEU A 136 12.18 -4.40 0.99
CA LEU A 136 11.96 -5.39 2.04
C LEU A 136 10.70 -6.18 1.76
N VAL A 137 10.75 -7.49 2.06
CA VAL A 137 9.61 -8.38 1.91
C VAL A 137 9.57 -9.33 3.10
N ALA A 138 8.46 -10.05 3.20
CA ALA A 138 8.30 -11.13 4.19
C ALA A 138 8.59 -10.62 5.59
N TYR A 139 7.85 -9.60 6.01
CA TYR A 139 7.92 -9.11 7.38
C TYR A 139 9.32 -8.67 7.72
N GLY A 140 10.03 -8.07 6.77
CA GLY A 140 11.35 -7.56 6.99
C GLY A 140 12.46 -8.56 6.90
N ASN A 141 12.17 -9.80 6.53
CA ASN A 141 13.16 -10.87 6.54
C ASN A 141 13.75 -11.19 5.18
N GLY A 142 13.32 -10.50 4.12
CA GLY A 142 13.98 -10.60 2.84
C GLY A 142 14.17 -9.22 2.25
N PHE A 143 15.15 -9.12 1.36
CA PHE A 143 15.37 -7.92 0.56
C PHE A 143 15.46 -8.41 -0.87
N ILE A 144 14.50 -8.05 -1.72
CA ILE A 144 14.49 -8.50 -3.12
C ILE A 144 14.94 -7.36 -4.00
N THR A 145 15.86 -7.62 -4.91
CA THR A 145 16.40 -6.52 -5.70
C THR A 145 15.47 -6.08 -6.81
N ARG A 146 15.56 -4.77 -7.08
CA ARG A 146 14.81 -4.16 -8.17
C ARG A 146 15.19 -4.78 -9.50
N GLU A 147 16.49 -5.02 -9.70
CA GLU A 147 16.93 -5.65 -10.95
C GLU A 147 16.42 -7.07 -11.08
N PHE A 148 16.34 -7.84 -9.99
CA PHE A 148 15.80 -9.18 -10.11
C PHE A 148 14.34 -9.14 -10.53
N LEU A 149 13.55 -8.25 -9.93
CA LEU A 149 12.16 -8.15 -10.34
C LEU A 149 12.01 -7.74 -11.81
N LYS A 150 12.90 -6.87 -12.29
CA LYS A 150 12.89 -6.49 -13.71
C LYS A 150 13.29 -7.64 -14.61
N SER A 151 13.97 -8.65 -14.10
CA SER A 151 14.46 -9.75 -14.94
C SER A 151 13.41 -10.84 -15.15
N LEU A 152 12.30 -10.79 -14.45
CA LEU A 152 11.27 -11.83 -14.54
C LEU A 152 10.68 -11.82 -15.96
N ARG A 153 10.08 -12.94 -16.35
CA ARG A 153 9.42 -12.93 -17.65
C ARG A 153 8.20 -12.02 -17.64
N LYS A 154 7.91 -11.47 -18.81
CA LYS A 154 6.68 -10.70 -18.99
C LYS A 154 5.48 -11.60 -18.73
N PRO A 155 4.43 -11.12 -18.10
CA PRO A 155 4.16 -9.73 -17.69
C PRO A 155 4.64 -9.37 -16.27
N PHE A 156 5.22 -10.36 -15.58
CA PHE A 156 5.51 -10.22 -14.17
C PHE A 156 6.59 -9.20 -13.88
N CYS A 157 7.56 -8.99 -14.77
CA CYS A 157 8.54 -7.93 -14.63
C CYS A 157 7.95 -6.53 -14.67
N ASP A 158 6.67 -6.39 -15.04
CA ASP A 158 6.06 -5.08 -15.15
C ASP A 158 5.28 -4.70 -13.90
N ILE A 159 5.22 -5.57 -12.90
CA ILE A 159 4.43 -5.31 -11.69
C ILE A 159 5.09 -4.23 -10.84
N MET A 160 6.36 -4.43 -10.46
CA MET A 160 6.92 -3.60 -9.41
C MET A 160 7.57 -2.34 -9.91
N GLU A 161 8.13 -2.32 -11.11
CA GLU A 161 8.91 -1.15 -11.52
C GLU A 161 8.16 0.17 -11.41
N PRO A 162 6.88 0.28 -11.80
CA PRO A 162 6.23 1.59 -11.65
C PRO A 162 6.06 1.98 -10.18
N LYS A 163 6.01 1.00 -9.28
CA LYS A 163 5.92 1.28 -7.84
C LYS A 163 7.25 1.78 -7.31
N PHE A 164 8.37 1.23 -7.79
CA PHE A 164 9.67 1.82 -7.47
C PHE A 164 9.77 3.25 -7.99
N ASP A 165 9.29 3.51 -9.21
CA ASP A 165 9.39 4.87 -9.76
C ASP A 165 8.61 5.84 -8.89
N PHE A 166 7.39 5.46 -8.48
CA PHE A 166 6.62 6.31 -7.59
C PHE A 166 7.38 6.52 -6.29
N ALA A 167 7.88 5.45 -5.72
CA ALA A 167 8.50 5.49 -4.39
C ALA A 167 9.75 6.33 -4.37
N MET A 168 10.55 6.35 -5.44
CA MET A 168 11.77 7.12 -5.34
C MET A 168 11.45 8.60 -5.21
N LYS A 169 10.45 9.08 -5.96
CA LYS A 169 10.07 10.47 -5.84
C LYS A 169 9.37 10.72 -4.52
N PHE A 170 8.52 9.81 -4.07
CA PHE A 170 7.80 9.99 -2.82
C PHE A 170 8.77 10.04 -1.65
N ASN A 171 9.76 9.15 -1.65
CA ASN A 171 10.75 9.13 -0.58
C ASN A 171 11.61 10.39 -0.58
N ALA A 172 11.80 11.05 -1.74
CA ALA A 172 12.58 12.29 -1.78
C ALA A 172 11.89 13.43 -1.05
N LEU A 173 10.59 13.31 -0.77
CA LEU A 173 9.89 14.28 0.08
C LEU A 173 10.30 14.17 1.53
N GLU A 174 10.92 13.07 1.95
CA GLU A 174 11.43 12.91 3.31
C GLU A 174 10.31 13.03 4.35
N LEU A 175 9.19 12.40 4.07
CA LEU A 175 8.14 12.28 5.08
C LEU A 175 8.56 11.34 6.20
N ASP A 176 7.97 11.53 7.38
CA ASP A 176 8.12 10.52 8.43
C ASP A 176 6.76 9.87 8.69
N ASP A 177 6.76 8.97 9.65
N ASP A 177 6.64 8.95 9.64
CA ASP A 177 5.60 8.18 9.99
CA ASP A 177 5.35 8.29 9.75
C ASP A 177 4.43 9.07 10.42
C ASP A 177 4.29 9.16 10.39
N SER A 178 4.70 10.22 11.08
CA SER A 178 3.65 11.11 11.53
C SER A 178 2.95 11.75 10.33
N ASP A 179 3.67 11.99 9.22
CA ASP A 179 3.08 12.53 8.00
C ASP A 179 2.36 11.42 7.24
N ILE A 180 3.02 10.25 7.12
CA ILE A 180 2.48 9.18 6.28
C ILE A 180 1.18 8.66 6.84
N SER A 181 1.07 8.61 8.18
CA SER A 181 -0.17 8.13 8.79
C SER A 181 -1.36 9.00 8.38
N LEU A 182 -1.16 10.32 8.40
CA LEU A 182 -2.24 11.25 8.02
C LEU A 182 -2.50 11.21 6.51
N PHE A 183 -1.46 10.98 5.70
CA PHE A 183 -1.66 10.88 4.25
C PHE A 183 -2.49 9.63 3.93
N VAL A 184 -2.21 8.51 4.59
CA VAL A 184 -3.00 7.29 4.40
C VAL A 184 -4.44 7.51 4.86
N ALA A 185 -4.64 8.17 6.02
CA ALA A 185 -6.01 8.47 6.44
C ALA A 185 -6.73 9.31 5.39
N ALA A 186 -6.03 10.28 4.79
CA ALA A 186 -6.67 11.11 3.77
C ALA A 186 -7.04 10.32 2.53
N ILE A 187 -6.16 9.38 2.10
CA ILE A 187 -6.49 8.50 0.98
C ILE A 187 -7.79 7.76 1.21
N ILE A 188 -7.96 7.21 2.42
CA ILE A 188 -9.15 6.43 2.72
C ILE A 188 -10.41 7.28 2.64
N CYS A 189 -10.32 8.57 3.03
CA CYS A 189 -11.49 9.49 3.13
C CYS A 189 -11.67 10.29 1.86
N CYS A 190 -12.18 9.65 0.81
CA CYS A 190 -12.38 10.32 -0.48
C CYS A 190 -13.85 10.26 -0.78
N GLY A 191 -14.47 11.44 -0.94
CA GLY A 191 -15.89 11.41 -1.19
C GLY A 191 -16.26 11.11 -2.61
N ASP A 192 -15.30 10.99 -3.53
CA ASP A 192 -15.66 10.75 -4.91
C ASP A 192 -15.57 9.28 -5.32
N ARG A 193 -15.48 8.34 -4.37
CA ARG A 193 -15.47 6.93 -4.74
C ARG A 193 -16.84 6.51 -5.30
N PRO A 194 -16.86 5.59 -6.27
CA PRO A 194 -18.14 5.14 -6.85
C PRO A 194 -19.02 4.44 -5.81
N GLY A 195 -20.32 4.68 -5.89
CA GLY A 195 -21.27 3.91 -5.09
C GLY A 195 -21.45 4.32 -3.65
N LEU A 196 -20.89 5.46 -3.23
CA LEU A 196 -21.07 5.88 -1.85
C LEU A 196 -22.51 6.31 -1.61
N LEU A 197 -23.03 5.95 -0.43
CA LEU A 197 -24.41 6.29 -0.02
C LEU A 197 -24.46 7.69 0.59
N ASN A 198 -23.54 8.01 1.49
CA ASN A 198 -23.61 9.26 2.24
C ASN A 198 -22.42 10.15 1.87
N VAL A 199 -22.45 10.66 0.64
CA VAL A 199 -21.33 11.45 0.15
C VAL A 199 -21.09 12.64 1.03
N GLY A 200 -22.16 13.27 1.52
CA GLY A 200 -21.96 14.49 2.27
C GLY A 200 -21.18 14.29 3.55
N HIS A 201 -21.52 13.24 4.29
CA HIS A 201 -20.79 12.97 5.54
C HIS A 201 -19.35 12.58 5.25
N ILE A 202 -19.13 11.84 4.18
CA ILE A 202 -17.76 11.46 3.80
C ILE A 202 -16.96 12.68 3.40
N GLU A 203 -17.56 13.60 2.64
CA GLU A 203 -16.87 14.83 2.31
C GLU A 203 -16.46 15.61 3.56
N LYS A 204 -17.33 15.65 4.57
N LYS A 204 -17.32 15.64 4.58
CA LYS A 204 -16.96 16.34 5.81
CA LYS A 204 -16.93 16.36 5.81
C LYS A 204 -15.82 15.63 6.52
C LYS A 204 -15.84 15.63 6.57
N MET A 205 -15.88 14.30 6.58
N MET A 205 -15.87 14.29 6.57
CA MET A 205 -14.80 13.50 7.16
CA MET A 205 -14.80 13.51 7.16
C MET A 205 -13.49 13.79 6.43
C MET A 205 -13.48 13.80 6.43
N GLN A 206 -13.54 13.82 5.09
CA GLN A 206 -12.38 14.15 4.28
C GLN A 206 -11.85 15.55 4.61
N GLU A 207 -12.75 16.53 4.66
CA GLU A 207 -12.28 17.88 4.94
C GLU A 207 -11.58 17.92 6.29
N GLY A 208 -12.10 17.21 7.29
CA GLY A 208 -11.48 17.25 8.60
C GLY A 208 -10.09 16.64 8.63
N ILE A 209 -9.93 15.49 8.00
N ILE A 209 -9.94 15.45 8.04
CA ILE A 209 -8.64 14.82 8.03
CA ILE A 209 -8.61 14.81 8.01
C ILE A 209 -7.62 15.55 7.17
C ILE A 209 -7.63 15.64 7.22
N VAL A 210 -8.06 16.16 6.06
CA VAL A 210 -7.15 16.94 5.24
C VAL A 210 -6.72 18.21 5.97
N HIS A 211 -7.60 18.81 6.77
CA HIS A 211 -7.20 19.96 7.58
C HIS A 211 -6.12 19.57 8.57
N VAL A 212 -6.31 18.43 9.24
CA VAL A 212 -5.29 17.92 10.18
C VAL A 212 -3.97 17.72 9.46
N LEU A 213 -4.02 17.10 8.28
CA LEU A 213 -2.82 16.87 7.45
C LEU A 213 -2.13 18.19 7.09
N ARG A 214 -2.90 19.17 6.60
N ARG A 214 -2.90 19.16 6.59
CA ARG A 214 -2.32 20.44 6.20
CA ARG A 214 -2.36 20.45 6.21
C ARG A 214 -1.62 21.13 7.38
C ARG A 214 -1.63 21.11 7.37
N LEU A 215 -2.27 21.18 8.54
CA LEU A 215 -1.65 21.83 9.69
C LEU A 215 -0.42 21.06 10.16
N HIS A 216 -0.51 19.74 10.16
CA HIS A 216 0.65 18.95 10.58
C HIS A 216 1.85 19.16 9.67
N LEU A 217 1.62 19.20 8.33
CA LEU A 217 2.75 19.40 7.42
C LEU A 217 3.35 20.79 7.59
N GLN A 218 2.51 21.79 7.85
CA GLN A 218 3.00 23.15 8.08
C GLN A 218 3.95 23.18 9.27
N SER A 219 3.63 22.42 10.32
N SER A 219 3.63 22.45 10.33
CA SER A 219 4.37 22.34 11.59
CA SER A 219 4.50 22.42 11.52
C SER A 219 5.60 21.45 11.49
C SER A 219 5.72 21.54 11.30
N ASN A 220 5.51 20.33 10.78
CA ASN A 220 6.56 19.33 10.75
C ASN A 220 7.54 19.57 9.62
N HIS A 221 7.13 20.29 8.57
CA HIS A 221 7.97 20.57 7.43
C HIS A 221 7.97 22.05 7.09
N PRO A 222 8.51 22.89 7.99
CA PRO A 222 8.50 24.34 7.75
C PRO A 222 9.40 24.73 6.60
N ASP A 223 10.27 23.85 6.20
CA ASP A 223 11.21 24.07 5.09
C ASP A 223 10.60 23.87 3.70
N ASP A 224 9.41 23.27 3.57
CA ASP A 224 8.85 22.90 2.26
C ASP A 224 7.43 23.48 2.20
N ILE A 225 7.31 24.72 1.70
CA ILE A 225 6.02 25.39 1.74
C ILE A 225 5.01 24.81 0.76
N PHE A 226 5.45 23.99 -0.19
N PHE A 226 5.43 23.99 -0.21
CA PHE A 226 4.56 23.36 -1.16
CA PHE A 226 4.49 23.36 -1.12
C PHE A 226 4.15 21.95 -0.76
C PHE A 226 4.31 21.87 -0.81
N LEU A 227 4.60 21.45 0.40
CA LEU A 227 4.48 20.01 0.66
C LEU A 227 3.02 19.54 0.60
N PHE A 228 2.08 20.31 1.12
CA PHE A 228 0.67 19.89 1.06
C PHE A 228 0.20 19.72 -0.39
N PRO A 229 0.34 20.72 -1.28
CA PRO A 229 -0.11 20.46 -2.65
C PRO A 229 0.71 19.35 -3.33
N LYS A 230 1.98 19.19 -3.03
CA LYS A 230 2.72 18.05 -3.55
C LYS A 230 2.03 16.75 -3.19
N LEU A 231 1.56 16.62 -1.93
CA LEU A 231 0.91 15.38 -1.50
C LEU A 231 -0.47 15.25 -2.10
N LEU A 232 -1.21 16.36 -2.29
CA LEU A 232 -2.44 16.20 -3.05
C LEU A 232 -2.19 15.63 -4.44
N GLN A 233 -1.13 16.09 -5.10
CA GLN A 233 -0.81 15.54 -6.40
C GLN A 233 -0.42 14.07 -6.28
N LYS A 234 0.36 13.70 -5.26
CA LYS A 234 0.68 12.28 -5.09
C LYS A 234 -0.56 11.44 -4.93
N MET A 235 -1.62 11.93 -4.32
CA MET A 235 -2.83 11.12 -4.25
C MET A 235 -3.43 10.89 -5.60
N ALA A 236 -3.43 11.90 -6.46
CA ALA A 236 -3.90 11.70 -7.83
C ALA A 236 -2.98 10.75 -8.60
N ASP A 237 -1.68 10.86 -8.40
CA ASP A 237 -0.75 9.95 -9.06
C ASP A 237 -1.04 8.52 -8.61
N LEU A 238 -1.32 8.31 -7.34
CA LEU A 238 -1.61 6.97 -6.83
C LEU A 238 -2.86 6.41 -7.47
N ARG A 239 -3.86 7.24 -7.70
N ARG A 239 -3.88 7.23 -7.71
CA ARG A 239 -5.06 6.73 -8.34
CA ARG A 239 -5.07 6.73 -8.39
C ARG A 239 -4.75 6.22 -9.74
C ARG A 239 -4.70 6.18 -9.75
N GLN A 240 -3.89 6.92 -10.48
CA GLN A 240 -3.49 6.46 -11.80
C GLN A 240 -2.65 5.21 -11.69
N LEU A 241 -1.75 5.13 -10.69
CA LEU A 241 -0.93 3.93 -10.52
C LEU A 241 -1.80 2.70 -10.25
N VAL A 242 -2.87 2.88 -9.49
CA VAL A 242 -3.73 1.76 -9.17
C VAL A 242 -4.53 1.33 -10.39
N THR A 243 -5.08 2.30 -11.14
CA THR A 243 -5.79 1.93 -12.36
C THR A 243 -4.89 1.12 -13.27
N GLU A 244 -3.65 1.57 -13.47
CA GLU A 244 -2.71 0.84 -14.32
C GLU A 244 -2.40 -0.54 -13.74
N HIS A 245 -2.25 -0.63 -12.42
CA HIS A 245 -1.99 -1.92 -11.79
C HIS A 245 -3.15 -2.86 -12.02
N ALA A 246 -4.38 -2.40 -11.87
CA ALA A 246 -5.54 -3.25 -12.11
C ALA A 246 -5.60 -3.73 -13.56
N GLN A 247 -5.17 -2.90 -14.50
CA GLN A 247 -5.16 -3.33 -15.89
C GLN A 247 -4.16 -4.46 -16.08
N LEU A 248 -2.98 -4.37 -15.47
CA LEU A 248 -2.01 -5.44 -15.55
C LEU A 248 -2.53 -6.70 -14.88
N VAL A 249 -3.13 -6.60 -13.71
CA VAL A 249 -3.67 -7.77 -13.03
C VAL A 249 -4.71 -8.46 -13.91
N GLN A 250 -5.54 -7.71 -14.62
CA GLN A 250 -6.51 -8.33 -15.52
C GLN A 250 -5.82 -9.03 -16.69
N ILE A 251 -4.73 -8.50 -17.20
CA ILE A 251 -3.96 -9.24 -18.20
C ILE A 251 -3.49 -10.57 -17.60
N ILE A 252 -2.97 -10.55 -16.38
CA ILE A 252 -2.55 -11.79 -15.75
C ILE A 252 -3.71 -12.75 -15.58
N LYS A 253 -4.87 -12.23 -15.19
N LYS A 253 -4.87 -12.24 -15.12
CA LYS A 253 -6.05 -13.08 -14.99
CA LYS A 253 -6.08 -13.07 -15.01
C LYS A 253 -6.52 -13.71 -16.30
C LYS A 253 -6.35 -13.77 -16.34
N LYS A 254 -6.37 -13.00 -17.42
CA LYS A 254 -6.81 -13.55 -18.72
C LYS A 254 -5.80 -14.49 -19.35
N THR A 255 -4.51 -14.27 -19.12
CA THR A 255 -3.46 -14.94 -19.87
C THR A 255 -2.59 -15.89 -19.04
N GLU A 256 -2.67 -15.86 -17.71
CA GLU A 256 -1.78 -16.66 -16.83
C GLU A 256 -2.63 -17.56 -15.94
N SER A 257 -2.98 -18.74 -16.46
CA SER A 257 -3.94 -19.60 -15.78
C SER A 257 -3.42 -20.10 -14.44
N ASP A 258 -2.11 -20.21 -14.26
CA ASP A 258 -1.58 -20.72 -13.01
C ASP A 258 -1.48 -19.66 -11.93
N ALA A 259 -1.75 -18.39 -12.25
CA ALA A 259 -1.56 -17.31 -11.30
C ALA A 259 -2.88 -17.02 -10.59
N ALA A 260 -3.21 -17.88 -9.63
CA ALA A 260 -4.51 -17.78 -8.97
C ALA A 260 -4.64 -16.45 -8.26
N LEU A 261 -5.76 -15.75 -8.51
CA LEU A 261 -5.99 -14.47 -7.85
C LEU A 261 -6.66 -14.73 -6.52
N HIS A 262 -6.10 -14.14 -5.47
CA HIS A 262 -6.61 -14.39 -4.14
C HIS A 262 -8.08 -14.03 -4.03
N PRO A 263 -8.92 -14.91 -3.45
CA PRO A 263 -10.35 -14.60 -3.30
C PRO A 263 -10.65 -13.26 -2.64
N LEU A 264 -9.83 -12.79 -1.67
CA LEU A 264 -10.16 -11.50 -1.08
C LEU A 264 -9.77 -10.32 -1.96
N LEU A 265 -8.86 -10.52 -2.90
CA LEU A 265 -8.47 -9.41 -3.75
C LEU A 265 -9.29 -9.31 -5.03
N GLN A 266 -9.89 -10.41 -5.45
N GLN A 266 -9.88 -10.41 -5.50
CA GLN A 266 -10.83 -10.37 -6.58
CA GLN A 266 -10.46 -10.47 -6.85
C GLN A 266 -11.97 -9.41 -6.28
C GLN A 266 -11.47 -9.37 -7.12
N GLU A 267 -12.48 -9.41 -5.05
N GLU A 267 -12.40 -9.16 -6.19
CA GLU A 267 -13.58 -8.50 -4.71
CA GLU A 267 -13.37 -8.08 -6.35
C GLU A 267 -13.13 -7.04 -4.77
C GLU A 267 -12.69 -6.72 -6.37
N ILE A 268 -11.92 -6.73 -4.27
N ILE A 268 -11.74 -6.49 -5.46
CA ILE A 268 -11.45 -5.36 -4.32
CA ILE A 268 -10.97 -5.25 -5.48
C ILE A 268 -11.34 -4.91 -5.77
C ILE A 268 -10.35 -5.03 -6.85
N TYR A 269 -10.86 -5.79 -6.64
N TYR A 269 -9.69 -6.07 -7.37
CA TYR A 269 -10.73 -5.40 -8.04
CA TYR A 269 -8.97 -5.92 -8.62
C TYR A 269 -12.05 -5.33 -8.79
C TYR A 269 -9.93 -5.58 -9.76
N ARG A 270 -13.08 -6.01 -8.29
N ARG A 270 -11.07 -6.28 -9.81
CA ARG A 270 -14.34 -6.15 -9.04
CA ARG A 270 -12.03 -6.01 -10.88
C ARG A 270 -15.05 -4.81 -9.19
C ARG A 270 -12.56 -4.58 -10.81
N ASP A 271 -15.25 -4.38 -10.44
N ASP A 271 -12.91 -4.12 -9.60
CA ASP A 271 -15.92 -3.13 -10.76
CA ASP A 271 -13.60 -2.85 -9.50
C ASP A 271 -15.15 -1.92 -10.21
C ASP A 271 -12.65 -1.66 -9.50
N MET A 272 -13.83 -2.07 -10.13
N MET A 272 -11.34 -1.90 -9.35
CA MET A 272 -12.91 -0.96 -9.95
CA MET A 272 -10.33 -0.85 -9.50
C MET A 272 -12.78 -0.20 -11.27
C MET A 272 -10.15 -0.46 -10.96
N TYR A 273 -11.68 -0.39 -11.99
N TYR A 273 -10.42 -1.39 -11.88
CA TYR A 273 -11.43 0.36 -13.23
CA TYR A 273 -10.06 -1.24 -13.28
C TYR A 273 -12.44 0.02 -14.30
C TYR A 273 -10.55 0.08 -13.85
C1 GOL B . 13.93 3.58 2.66
O1 GOL B . 14.61 3.77 1.44
C2 GOL B . 12.79 4.55 2.71
O2 GOL B . 12.27 4.52 4.02
C3 GOL B . 13.24 5.99 2.38
O3 GOL B . 14.31 6.36 3.23
H11 GOL B . 13.59 2.67 2.70
H12 GOL B . 14.54 3.75 3.40
HO1 GOL B . 14.08 4.13 0.88
H2 GOL B . 12.10 4.28 2.08
HO2 GOL B . 12.34 3.74 4.33
H31 GOL B . 12.50 6.59 2.52
H32 GOL B . 13.54 6.02 1.46
HO3 GOL B . 14.28 5.90 3.94
C1 PLM C . -0.86 -6.86 -5.71
O1 PLM C . -1.64 -7.00 -6.70
O2 PLM C . -1.32 -7.14 -4.57
C2 PLM C . 0.58 -6.38 -5.90
C3 PLM C . 1.28 -6.00 -4.62
C4 PLM C . 2.66 -5.40 -4.97
C5 PLM C . 3.54 -5.18 -3.76
C6 PLM C . 3.95 -6.53 -3.14
C7 PLM C . 5.02 -6.38 -2.07
C8 PLM C . 5.61 -7.73 -1.66
C9 PLM C . 6.51 -8.32 -2.76
CA PLM C . 7.02 -9.75 -2.48
CB PLM C . 8.00 -10.24 -3.57
CC PLM C . 8.33 -11.74 -3.53
CD PLM C . 8.95 -12.17 -2.19
CE PLM C . 9.50 -13.60 -2.24
CF PLM C . 9.83 -14.08 -0.82
CG PLM C . 10.43 -15.48 -0.79
H21 PLM C . 1.08 -7.09 -6.33
H22 PLM C . 0.56 -5.61 -6.49
H31 PLM C . 0.76 -5.33 -4.14
H32 PLM C . 1.40 -6.78 -4.06
H41 PLM C . 3.12 -6.00 -5.58
H42 PLM C . 2.54 -4.55 -5.42
H51 PLM C . 4.34 -4.70 -4.02
H52 PLM C . 3.05 -4.66 -3.10
H61 PLM C . 4.29 -7.10 -3.86
H62 PLM C . 3.17 -6.94 -2.76
H71 PLM C . 5.74 -5.83 -2.43
H72 PLM C . 4.63 -5.95 -1.31
H81 PLM C . 6.12 -7.61 -0.85
H82 PLM C . 4.87 -8.35 -1.47
H91 PLM C . 6.01 -8.33 -3.59
H92 PLM C . 7.27 -7.73 -2.87
HA1 PLM C . 7.47 -9.76 -1.62
HA2 PLM C . 6.26 -10.36 -2.44
HB1 PLM C . 8.82 -9.75 -3.49
HB2 PLM C . 7.61 -10.04 -4.44
HC1 PLM C . 8.96 -11.94 -4.25
HC2 PLM C . 7.52 -12.24 -3.68
HD1 PLM C . 8.27 -12.12 -1.50
HD2 PLM C . 9.67 -11.56 -1.97
HE1 PLM C . 10.31 -13.62 -2.77
HE2 PLM C . 8.84 -14.19 -2.62
HF1 PLM C . 10.48 -13.47 -0.42
HF2 PLM C . 9.03 -14.08 -0.28
HG1 PLM C . 9.80 -16.11 -1.18
HG2 PLM C . 11.26 -15.50 -1.28
HG3 PLM C . 10.59 -15.75 0.14
#